data_7E3C
#
_entry.id   7E3C
#
loop_
_entity.id
_entity.type
_entity.pdbx_description
1 polymer 'Spike protein S1'
2 polymer 'Light chain of Ab1'
3 polymer 'Heavy chain of Ab1'
4 non-polymer 2-acetamido-2-deoxy-beta-D-glucopyranose
#
loop_
_entity_poly.entity_id
_entity_poly.type
_entity_poly.pdbx_seq_one_letter_code
_entity_poly.pdbx_strand_id
1 'polypeptide(L)'
;TNLCPFGEVFNATRFASVYAWNRKRISNCVADYSVLYNSASFSTFKCYGVSPTKLNDLCFTNVYADSFVIRGDEVRQIAP
GQTGKIADYNYKLPDDFTGCVIAWNSNNLDSKVGGNYNYLYRLFRKSNLKPFERDISTEIYQAGSTPCNGVEGFNCYFPL
QSYGFQPTNGVGYQPYRVVVLSFELLHAPATVCG
;
A
2 'polypeptide(L)'
;DIQLTQSPSFLSASVGDRVTITCRASQGISNYLAWYQQKPGKAPKLLIYAASTLQTGVPSRFSGSGSGTEFTLTISSLQP
EDFATYYCQQLNSYPPLTFGGGSRVEIKRTVAAPSVFIFPPSDEQLKSGTASVVCLLNNFYPREAKVQWKVDNALQSGNS
QESVTEQDSKDSTYSLSSTLTLSKADYEKHKVYACEVTHQGLSSPVTKSFNRGEC
;
C
3 'polypeptide(L)'
;EVLLVESGGGLVQPGGSLRLSCAASGLTVSSNYMTWVRQAPGKGLEWVSVIYSGGSTFYADSVKGRCTISRHNSKNTLYL
QMNSLRAEDTAVYYCARDLDYYGMDVWGQGTTVTVSSASTKGPSVFPLAPSSKSTSGGTAALGCLVKDYFPEPVTVSWNS
GALTSGVHTFPAVLQSSGLYSLSSVVTVPSSSLGTQTYICNVNHKPSNTKVDKKVEPKSCDKTHTCPPCPAPEAAGGPSV
FLFPPKPKDTLMISRTPEVTCVVVDVSHEDPEVKFNWYVDGVEVHNAKTKPREEQYNSTYRVVSVLTVLHQDWLNGKEYK
CKVSNKALPAPIEKTISKAKGQPREPQVYTLPPSREEMTKNQVSLTCLVKGFYPSDIAVEWESNGQPENNYKTTPPVLDS
DGSFFLYSKLTVDKSRWQQGNVFSCSVMHEALHNHYTQKSLSLSPGK
;
B
#
loop_
_chem_comp.id
_chem_comp.type
_chem_comp.name
_chem_comp.formula
NAG D-saccharide, beta linking 2-acetamido-2-deoxy-beta-D-glucopyranose 'C8 H15 N O6'
#
# COMPACT_ATOMS: atom_id res chain seq x y z
N THR A 1 -12.20 14.52 -42.71
CA THR A 1 -11.93 14.77 -41.31
C THR A 1 -11.50 13.50 -40.60
N ASN A 2 -10.21 13.21 -40.62
CA ASN A 2 -9.67 12.01 -39.99
C ASN A 2 -9.68 12.19 -38.49
N LEU A 3 -10.67 11.59 -37.83
CA LEU A 3 -10.77 11.71 -36.38
C LEU A 3 -9.57 11.08 -35.70
N CYS A 4 -9.10 11.72 -34.64
CA CYS A 4 -7.98 11.17 -33.88
C CYS A 4 -8.38 9.84 -33.27
N PRO A 5 -7.53 8.85 -33.32
CA PRO A 5 -7.91 7.54 -32.77
C PRO A 5 -7.93 7.52 -31.26
N PHE A 6 -9.12 7.41 -30.68
CA PHE A 6 -9.28 7.14 -29.27
C PHE A 6 -9.89 5.78 -29.00
N GLY A 7 -10.62 5.21 -29.96
CA GLY A 7 -11.15 3.87 -29.82
C GLY A 7 -10.10 2.79 -29.76
N GLU A 8 -8.84 3.10 -30.10
CA GLU A 8 -7.74 2.19 -29.92
C GLU A 8 -6.95 2.50 -28.66
N VAL A 9 -7.50 3.31 -27.76
CA VAL A 9 -6.89 3.50 -26.46
C VAL A 9 -7.89 3.08 -25.39
N PHE A 10 -9.04 3.76 -25.33
CA PHE A 10 -9.99 3.45 -24.28
C PHE A 10 -10.64 2.10 -24.49
N ASN A 11 -10.84 1.71 -25.76
CA ASN A 11 -11.42 0.42 -26.08
C ASN A 11 -10.35 -0.62 -26.39
N ALA A 12 -9.11 -0.40 -25.93
CA ALA A 12 -8.07 -1.38 -26.12
C ALA A 12 -8.42 -2.68 -25.41
N THR A 13 -7.62 -3.72 -25.68
CA THR A 13 -7.88 -5.04 -25.13
C THR A 13 -7.07 -5.32 -23.87
N ARG A 14 -5.76 -5.07 -23.90
CA ARG A 14 -4.86 -5.47 -22.83
C ARG A 14 -4.05 -4.26 -22.37
N PHE A 15 -4.59 -3.51 -21.42
CA PHE A 15 -3.81 -2.46 -20.79
C PHE A 15 -2.61 -3.05 -20.09
N ALA A 16 -1.44 -2.45 -20.31
CA ALA A 16 -0.24 -2.93 -19.66
C ALA A 16 -0.25 -2.56 -18.18
N SER A 17 0.52 -3.32 -17.39
CA SER A 17 0.61 -3.09 -15.96
C SER A 17 1.06 -1.67 -15.67
N VAL A 18 0.79 -1.21 -14.45
CA VAL A 18 1.05 0.17 -14.10
C VAL A 18 2.52 0.53 -14.19
N TYR A 19 3.43 -0.43 -14.07
CA TYR A 19 4.84 -0.11 -14.15
C TYR A 19 5.35 -0.04 -15.59
N ALA A 20 4.56 -0.50 -16.55
CA ALA A 20 4.93 -0.46 -17.96
C ALA A 20 3.81 0.18 -18.78
N TRP A 21 3.34 1.33 -18.29
CA TRP A 21 2.15 1.95 -18.84
C TRP A 21 2.28 2.26 -20.32
N ASN A 22 1.24 1.92 -21.07
CA ASN A 22 1.27 2.06 -22.52
C ASN A 22 1.14 3.54 -22.87
N ARG A 23 2.20 4.10 -23.45
CA ARG A 23 2.22 5.48 -23.88
C ARG A 23 1.99 5.54 -25.38
N LYS A 24 1.07 6.39 -25.80
CA LYS A 24 0.77 6.58 -27.21
C LYS A 24 0.70 8.08 -27.49
N ARG A 25 0.97 8.45 -28.73
CA ARG A 25 0.95 9.85 -29.14
C ARG A 25 -0.20 10.09 -30.11
N ILE A 26 -0.85 11.23 -29.96
CA ILE A 26 -1.93 11.67 -30.84
C ILE A 26 -1.51 13.00 -31.45
N SER A 27 -1.59 13.07 -32.78
CA SER A 27 -1.16 14.23 -33.54
C SER A 27 -1.71 14.11 -34.95
N ASN A 28 -1.68 15.23 -35.68
CA ASN A 28 -2.06 15.29 -37.08
C ASN A 28 -3.48 14.78 -37.30
N CYS A 29 -4.41 15.25 -36.47
CA CYS A 29 -5.81 14.88 -36.60
C CYS A 29 -6.64 15.77 -35.70
N VAL A 30 -7.94 15.51 -35.68
CA VAL A 30 -8.90 16.17 -34.80
C VAL A 30 -9.60 15.11 -33.98
N ALA A 31 -9.94 15.46 -32.75
CA ALA A 31 -10.61 14.53 -31.85
C ALA A 31 -11.77 15.24 -31.17
N ASP A 32 -12.85 14.51 -30.95
CA ASP A 32 -14.00 15.04 -30.21
C ASP A 32 -13.89 14.51 -28.79
N TYR A 33 -13.30 15.33 -27.91
CA TYR A 33 -13.24 14.97 -26.51
C TYR A 33 -14.60 15.00 -25.87
N SER A 34 -15.48 15.88 -26.36
CA SER A 34 -16.78 16.06 -25.72
C SER A 34 -17.62 14.79 -25.79
N VAL A 35 -17.55 14.07 -26.91
CA VAL A 35 -18.34 12.85 -27.01
C VAL A 35 -17.87 11.82 -26.01
N LEU A 36 -16.56 11.72 -25.79
CA LEU A 36 -16.04 10.82 -24.78
C LEU A 36 -16.47 11.25 -23.39
N TYR A 37 -16.42 12.56 -23.11
CA TYR A 37 -16.80 13.04 -21.79
C TYR A 37 -18.27 12.75 -21.51
N ASN A 38 -19.15 13.13 -22.43
CA ASN A 38 -20.59 12.97 -22.24
C ASN A 38 -21.03 11.52 -22.34
N SER A 39 -20.10 10.58 -22.47
CA SER A 39 -20.47 9.17 -22.45
C SER A 39 -21.05 8.78 -21.09
N ALA A 40 -20.58 9.40 -20.02
CA ALA A 40 -21.07 9.25 -18.65
C ALA A 40 -20.82 7.85 -18.08
N SER A 41 -20.31 6.92 -18.87
CA SER A 41 -20.02 5.57 -18.40
C SER A 41 -18.68 5.48 -17.70
N PHE A 42 -18.13 6.61 -17.25
CA PHE A 42 -16.80 6.68 -16.66
C PHE A 42 -16.92 7.04 -15.19
N SER A 43 -16.20 6.30 -14.35
CA SER A 43 -16.28 6.52 -12.91
C SER A 43 -15.79 7.92 -12.54
N THR A 44 -14.60 8.28 -13.01
CA THR A 44 -14.00 9.57 -12.70
C THR A 44 -13.44 10.21 -13.95
N PHE A 45 -13.65 11.51 -14.08
CA PHE A 45 -13.19 12.28 -15.23
C PHE A 45 -12.74 13.62 -14.66
N LYS A 46 -11.46 13.70 -14.30
CA LYS A 46 -10.97 14.86 -13.55
C LYS A 46 -9.96 15.60 -14.41
N CYS A 47 -10.22 16.89 -14.65
CA CYS A 47 -9.38 17.66 -15.54
C CYS A 47 -8.69 18.80 -14.81
N TYR A 48 -7.37 18.89 -15.00
CA TYR A 48 -6.51 19.87 -14.35
C TYR A 48 -6.04 20.95 -15.32
N GLY A 49 -6.62 20.98 -16.52
CA GLY A 49 -6.44 22.08 -17.43
C GLY A 49 -7.69 22.94 -17.41
N VAL A 50 -8.59 22.71 -18.36
CA VAL A 50 -9.88 23.38 -18.40
C VAL A 50 -10.96 22.31 -18.57
N SER A 51 -12.20 22.70 -18.28
CA SER A 51 -13.37 21.83 -18.29
C SER A 51 -13.53 21.10 -19.61
N PRO A 52 -14.34 20.03 -19.67
CA PRO A 52 -14.44 19.25 -20.92
C PRO A 52 -14.88 20.07 -22.11
N THR A 53 -15.77 21.04 -21.92
CA THR A 53 -16.23 21.85 -23.05
C THR A 53 -15.09 22.65 -23.65
N LYS A 54 -14.49 23.53 -22.85
CA LYS A 54 -13.54 24.51 -23.37
C LYS A 54 -12.20 23.90 -23.77
N LEU A 55 -11.96 22.63 -23.48
CA LEU A 55 -10.73 22.00 -23.96
C LEU A 55 -10.83 21.55 -25.41
N ASN A 56 -12.04 21.48 -25.97
CA ASN A 56 -12.18 21.13 -27.38
C ASN A 56 -11.65 22.24 -28.28
N ASP A 57 -11.90 23.49 -27.90
CA ASP A 57 -11.62 24.63 -28.76
C ASP A 57 -10.25 25.25 -28.51
N LEU A 58 -9.31 24.48 -27.99
CA LEU A 58 -7.94 24.95 -27.77
C LEU A 58 -7.00 23.96 -28.42
N CYS A 59 -6.57 24.25 -29.65
CA CYS A 59 -5.79 23.29 -30.42
C CYS A 59 -4.40 23.10 -29.82
N PHE A 60 -3.91 21.86 -29.89
CA PHE A 60 -2.69 21.43 -29.22
C PHE A 60 -1.74 20.80 -30.22
N THR A 61 -0.46 20.75 -29.86
CA THR A 61 0.53 20.15 -30.75
C THR A 61 0.73 18.67 -30.50
N ASN A 62 0.51 18.19 -29.27
CA ASN A 62 0.54 16.73 -29.09
C ASN A 62 -0.35 16.35 -27.93
N VAL A 63 -0.89 15.13 -27.98
CA VAL A 63 -1.71 14.62 -26.90
C VAL A 63 -1.23 13.21 -26.58
N TYR A 64 -0.61 13.03 -25.43
CA TYR A 64 -0.04 11.74 -25.04
C TYR A 64 -1.05 10.99 -24.18
N ALA A 65 -1.47 9.82 -24.66
CA ALA A 65 -2.29 8.94 -23.86
C ALA A 65 -1.39 8.00 -23.07
N ASP A 66 -1.76 7.75 -21.82
CA ASP A 66 -1.02 6.83 -20.96
C ASP A 66 -2.02 5.90 -20.30
N SER A 67 -2.02 4.63 -20.68
CA SER A 67 -3.04 3.69 -20.27
C SER A 67 -2.46 2.61 -19.37
N PHE A 68 -3.24 2.19 -18.38
CA PHE A 68 -2.88 1.08 -17.50
C PHE A 68 -4.09 0.72 -16.64
N VAL A 69 -3.90 -0.22 -15.71
CA VAL A 69 -4.93 -0.67 -14.79
C VAL A 69 -4.36 -0.61 -13.38
N ILE A 70 -5.15 -0.08 -12.44
CA ILE A 70 -4.70 -0.03 -11.05
C ILE A 70 -5.84 -0.43 -10.13
N ARG A 71 -5.64 -0.30 -8.83
CA ARG A 71 -6.64 -0.67 -7.86
C ARG A 71 -7.53 0.53 -7.53
N GLY A 72 -8.76 0.24 -7.10
CA GLY A 72 -9.73 1.31 -6.89
C GLY A 72 -9.30 2.30 -5.83
N ASP A 73 -8.83 1.78 -4.68
CA ASP A 73 -8.46 2.66 -3.57
C ASP A 73 -7.23 3.49 -3.86
N GLU A 74 -6.52 3.20 -4.95
CA GLU A 74 -5.33 3.96 -5.30
C GLU A 74 -5.51 4.81 -6.54
N VAL A 75 -6.70 4.78 -7.16
CA VAL A 75 -7.01 5.75 -8.20
C VAL A 75 -6.85 7.16 -7.66
N ARG A 76 -7.21 7.38 -6.41
CA ARG A 76 -7.08 8.71 -5.84
C ARG A 76 -5.63 9.15 -5.71
N GLN A 77 -4.67 8.33 -6.13
CA GLN A 77 -3.28 8.76 -6.14
C GLN A 77 -2.90 9.48 -7.41
N ILE A 78 -3.58 9.22 -8.52
CA ILE A 78 -3.13 9.73 -9.82
C ILE A 78 -3.54 11.18 -9.97
N ALA A 79 -2.67 12.07 -9.51
CA ALA A 79 -2.81 13.51 -9.61
C ALA A 79 -1.50 14.10 -9.08
N PRO A 80 -1.07 15.26 -9.57
CA PRO A 80 0.17 15.84 -9.07
C PRO A 80 0.09 16.11 -7.57
N GLY A 81 1.19 15.84 -6.87
CA GLY A 81 1.30 16.09 -5.46
C GLY A 81 0.96 14.92 -4.56
N GLN A 82 0.25 13.91 -5.08
CA GLN A 82 -0.09 12.75 -4.27
C GLN A 82 1.12 11.84 -4.11
N THR A 83 1.09 11.04 -3.04
CA THR A 83 2.17 10.10 -2.76
C THR A 83 1.59 8.74 -2.43
N GLY A 84 2.38 7.72 -2.68
CA GLY A 84 1.95 6.34 -2.49
C GLY A 84 2.73 5.44 -3.41
N LYS A 85 2.31 4.17 -3.47
CA LYS A 85 3.01 3.21 -4.32
C LYS A 85 2.96 3.65 -5.77
N ILE A 86 1.76 3.93 -6.27
CA ILE A 86 1.62 4.33 -7.66
C ILE A 86 2.32 5.66 -7.90
N ALA A 87 1.99 6.66 -7.10
CA ALA A 87 2.48 8.01 -7.35
C ALA A 87 3.97 8.14 -7.15
N ASP A 88 4.64 7.17 -6.55
CA ASP A 88 6.08 7.25 -6.35
C ASP A 88 6.85 6.29 -7.25
N TYR A 89 6.45 5.02 -7.31
CA TYR A 89 7.27 4.01 -7.97
C TYR A 89 6.62 3.42 -9.19
N ASN A 90 5.50 3.92 -9.63
CA ASN A 90 5.03 3.32 -10.86
C ASN A 90 4.67 4.33 -11.94
N TYR A 91 4.06 5.46 -11.57
CA TYR A 91 3.69 6.45 -12.59
C TYR A 91 3.49 7.78 -11.88
N LYS A 92 4.49 8.65 -11.95
CA LYS A 92 4.48 9.91 -11.23
C LYS A 92 4.24 11.07 -12.17
N LEU A 93 3.24 11.88 -11.85
CA LEU A 93 2.86 13.08 -12.58
C LEU A 93 3.66 14.28 -12.12
N PRO A 94 3.74 15.32 -12.93
CA PRO A 94 4.41 16.55 -12.52
C PRO A 94 3.44 17.57 -11.94
N ASP A 95 3.99 18.46 -11.12
CA ASP A 95 3.18 19.48 -10.47
C ASP A 95 2.77 20.60 -11.41
N ASP A 96 3.31 20.63 -12.63
CA ASP A 96 2.89 21.57 -13.65
C ASP A 96 1.95 20.92 -14.66
N PHE A 97 1.15 19.97 -14.20
CA PHE A 97 0.40 19.11 -15.11
C PHE A 97 -0.62 19.89 -15.92
N THR A 98 -0.66 19.62 -17.21
CA THR A 98 -1.76 20.00 -18.08
C THR A 98 -2.26 18.74 -18.77
N GLY A 99 -3.56 18.64 -18.92
CA GLY A 99 -4.19 17.40 -19.34
C GLY A 99 -5.11 16.92 -18.27
N CYS A 100 -5.61 15.69 -18.43
CA CYS A 100 -6.51 15.19 -17.41
C CYS A 100 -6.71 13.68 -17.49
N VAL A 101 -7.37 13.16 -16.45
CA VAL A 101 -7.38 11.74 -16.11
C VAL A 101 -8.78 11.19 -16.27
N ILE A 102 -8.88 10.01 -16.88
CA ILE A 102 -10.15 9.35 -17.14
C ILE A 102 -10.04 7.92 -16.65
N ALA A 103 -10.88 7.56 -15.68
CA ALA A 103 -10.79 6.26 -15.05
C ALA A 103 -12.16 5.65 -14.87
N TRP A 104 -12.25 4.33 -15.04
CA TRP A 104 -13.52 3.67 -14.83
C TRP A 104 -13.30 2.21 -14.44
N ASN A 105 -14.26 1.68 -13.68
CA ASN A 105 -14.16 0.31 -13.21
C ASN A 105 -14.16 -0.66 -14.38
N SER A 106 -13.31 -1.67 -14.28
CA SER A 106 -13.26 -2.77 -15.24
C SER A 106 -13.18 -4.08 -14.49
N ASN A 107 -14.06 -4.23 -13.48
CA ASN A 107 -14.08 -5.44 -12.67
C ASN A 107 -14.22 -6.68 -13.55
N ASN A 108 -15.32 -6.78 -14.29
CA ASN A 108 -15.60 -8.01 -15.02
C ASN A 108 -14.54 -8.28 -16.08
N LEU A 109 -14.11 -7.25 -16.81
CA LEU A 109 -13.19 -7.47 -17.91
C LEU A 109 -11.83 -7.95 -17.43
N ASP A 110 -11.37 -7.44 -16.29
CA ASP A 110 -9.99 -7.64 -15.87
C ASP A 110 -9.82 -8.58 -14.69
N SER A 111 -10.90 -9.00 -14.04
CA SER A 111 -10.81 -9.88 -12.89
C SER A 111 -10.99 -11.33 -13.33
N LYS A 112 -10.09 -12.19 -12.89
CA LYS A 112 -10.15 -13.61 -13.16
C LYS A 112 -10.98 -14.29 -12.06
N VAL A 113 -11.28 -15.57 -12.29
CA VAL A 113 -12.02 -16.35 -11.29
C VAL A 113 -11.28 -16.38 -9.96
N GLY A 114 -9.99 -16.67 -10.01
CA GLY A 114 -9.19 -16.71 -8.79
C GLY A 114 -8.32 -15.49 -8.63
N GLY A 115 -8.61 -14.43 -9.37
CA GLY A 115 -7.80 -13.24 -9.36
C GLY A 115 -6.66 -13.32 -10.34
N ASN A 116 -6.62 -12.41 -11.32
CA ASN A 116 -5.61 -12.50 -12.36
C ASN A 116 -4.28 -11.98 -11.84
N TYR A 117 -3.21 -12.73 -12.12
CA TYR A 117 -1.86 -12.35 -11.73
C TYR A 117 -1.08 -11.75 -12.89
N ASN A 118 -1.80 -11.26 -13.91
CA ASN A 118 -1.13 -10.68 -15.07
C ASN A 118 -0.48 -9.34 -14.73
N TYR A 119 -1.14 -8.54 -13.90
CA TYR A 119 -0.70 -7.18 -13.64
C TYR A 119 0.28 -7.13 -12.47
N LEU A 120 1.05 -6.05 -12.42
CA LEU A 120 2.12 -5.94 -11.45
C LEU A 120 2.35 -4.47 -11.13
N TYR A 121 3.02 -4.22 -10.01
CA TYR A 121 3.57 -2.89 -9.76
C TYR A 121 4.88 -3.02 -9.02
N ARG A 122 5.74 -2.02 -9.20
CA ARG A 122 7.05 -2.02 -8.55
C ARG A 122 6.85 -1.66 -7.09
N LEU A 123 6.75 -2.69 -6.25
CA LEU A 123 6.57 -2.48 -4.83
C LEU A 123 7.84 -1.97 -4.16
N PHE A 124 9.00 -2.36 -4.67
CA PHE A 124 10.28 -2.05 -4.06
C PHE A 124 11.12 -1.21 -5.00
N ARG A 125 11.58 -0.06 -4.50
CA ARG A 125 12.43 0.83 -5.28
C ARG A 125 13.08 1.81 -4.31
N LYS A 126 14.36 2.10 -4.56
CA LYS A 126 15.12 2.92 -3.62
C LYS A 126 14.59 4.35 -3.58
N SER A 127 14.65 5.05 -4.71
CA SER A 127 14.23 6.44 -4.79
C SER A 127 13.01 6.56 -5.70
N ASN A 128 12.14 7.51 -5.37
CA ASN A 128 10.92 7.69 -6.15
C ASN A 128 11.25 8.22 -7.54
N LEU A 129 10.36 7.90 -8.48
CA LEU A 129 10.56 8.28 -9.87
C LEU A 129 10.41 9.79 -10.06
N LYS A 130 11.18 10.32 -10.99
CA LYS A 130 10.96 11.69 -11.43
C LYS A 130 9.66 11.75 -12.24
N PRO A 131 9.05 12.92 -12.36
CA PRO A 131 7.74 13.00 -13.03
C PRO A 131 7.81 12.45 -14.45
N PHE A 132 6.76 11.71 -14.82
CA PHE A 132 6.58 11.10 -16.13
C PHE A 132 7.62 10.03 -16.43
N GLU A 133 8.52 9.73 -15.51
CA GLU A 133 9.55 8.73 -15.75
C GLU A 133 8.94 7.36 -15.98
N ARG A 134 9.77 6.45 -16.48
CA ARG A 134 9.42 5.04 -16.59
C ARG A 134 10.57 4.22 -16.03
N ASP A 135 10.24 3.09 -15.40
CA ASP A 135 11.24 2.22 -14.79
C ASP A 135 10.71 0.79 -14.89
N ILE A 136 11.16 0.07 -15.91
CA ILE A 136 10.75 -1.32 -16.11
C ILE A 136 11.84 -2.29 -15.66
N SER A 137 12.85 -1.80 -14.95
CA SER A 137 13.93 -2.67 -14.48
C SER A 137 13.38 -3.74 -13.55
N THR A 138 13.80 -4.99 -13.80
CA THR A 138 13.32 -6.13 -13.02
C THR A 138 14.42 -6.77 -12.19
N GLU A 139 15.48 -6.02 -11.89
CA GLU A 139 16.50 -6.54 -11.00
C GLU A 139 15.92 -6.73 -9.59
N ILE A 140 16.42 -7.75 -8.91
CA ILE A 140 15.97 -8.00 -7.55
C ILE A 140 16.41 -6.84 -6.65
N TYR A 141 15.52 -6.45 -5.73
CA TYR A 141 15.77 -5.27 -4.92
C TYR A 141 16.98 -5.47 -4.02
N GLN A 142 17.64 -4.37 -3.70
CA GLN A 142 18.80 -4.38 -2.80
C GLN A 142 18.35 -3.81 -1.45
N ALA A 143 17.82 -4.70 -0.61
CA ALA A 143 17.31 -4.29 0.70
C ALA A 143 18.40 -4.43 1.73
N GLY A 144 19.11 -3.34 1.98
CA GLY A 144 20.08 -3.27 3.04
C GLY A 144 21.52 -3.38 2.57
N SER A 145 22.39 -3.73 3.52
CA SER A 145 23.83 -3.68 3.29
C SER A 145 24.34 -4.85 2.46
N THR A 146 23.68 -6.00 2.49
CA THR A 146 24.29 -7.13 1.82
C THR A 146 23.56 -7.49 0.52
N PRO A 147 24.30 -7.69 -0.56
CA PRO A 147 23.68 -8.12 -1.81
C PRO A 147 23.42 -9.62 -1.81
N CYS A 148 22.65 -10.06 -2.82
CA CYS A 148 22.47 -11.48 -3.06
C CYS A 148 22.58 -11.85 -4.53
N ASN A 149 22.61 -10.88 -5.44
CA ASN A 149 23.03 -11.09 -6.83
C ASN A 149 22.17 -12.16 -7.52
N GLY A 150 20.90 -11.82 -7.70
CA GLY A 150 20.02 -12.62 -8.53
C GLY A 150 19.47 -13.87 -7.90
N VAL A 151 19.61 -14.04 -6.60
CA VAL A 151 19.03 -15.16 -5.88
C VAL A 151 17.94 -14.60 -4.98
N GLU A 152 16.69 -14.76 -5.40
CA GLU A 152 15.57 -14.20 -4.66
C GLU A 152 15.53 -14.76 -3.25
N GLY A 153 15.44 -13.88 -2.26
CA GLY A 153 15.47 -14.31 -0.88
C GLY A 153 15.50 -13.12 0.06
N PHE A 154 15.86 -13.43 1.31
CA PHE A 154 15.80 -12.43 2.37
C PHE A 154 16.63 -11.21 2.03
N ASN A 155 16.12 -10.04 2.39
CA ASN A 155 16.77 -8.75 2.20
C ASN A 155 17.08 -8.45 0.73
N CYS A 156 16.48 -9.22 -0.19
CA CYS A 156 16.60 -8.89 -1.61
C CYS A 156 15.41 -9.51 -2.33
N TYR A 157 14.40 -8.71 -2.63
CA TYR A 157 13.14 -9.23 -3.14
C TYR A 157 12.93 -8.81 -4.58
N PHE A 158 12.20 -9.64 -5.30
CA PHE A 158 11.72 -9.30 -6.63
C PHE A 158 10.75 -8.14 -6.48
N PRO A 159 11.12 -6.93 -6.93
CA PRO A 159 10.31 -5.75 -6.60
C PRO A 159 8.89 -5.82 -7.13
N LEU A 160 8.66 -6.43 -8.28
CA LEU A 160 7.32 -6.47 -8.84
C LEU A 160 6.41 -7.35 -8.01
N GLN A 161 5.21 -6.87 -7.73
CA GLN A 161 4.24 -7.65 -6.97
C GLN A 161 2.87 -7.48 -7.62
N SER A 162 2.08 -8.55 -7.57
CA SER A 162 0.89 -8.67 -8.40
C SER A 162 -0.35 -8.11 -7.73
N TYR A 163 -1.50 -8.38 -8.35
CA TYR A 163 -2.83 -8.04 -7.87
C TYR A 163 -3.71 -9.28 -7.80
N GLY A 164 -4.37 -9.45 -6.67
CA GLY A 164 -5.40 -10.47 -6.53
C GLY A 164 -6.78 -9.96 -6.86
N PHE A 165 -7.09 -9.80 -8.15
CA PHE A 165 -8.40 -9.29 -8.56
C PHE A 165 -9.42 -10.43 -8.63
N GLN A 166 -9.82 -10.88 -7.45
CA GLN A 166 -10.92 -11.82 -7.37
C GLN A 166 -12.21 -11.12 -7.80
N PRO A 167 -13.14 -11.85 -8.41
CA PRO A 167 -14.37 -11.21 -8.91
C PRO A 167 -15.39 -10.98 -7.81
N THR A 168 -14.94 -11.11 -6.57
CA THR A 168 -15.78 -10.88 -5.41
C THR A 168 -15.28 -9.74 -4.54
N ASN A 169 -14.11 -9.18 -4.85
CA ASN A 169 -13.42 -8.26 -3.96
C ASN A 169 -14.27 -7.02 -3.71
N GLY A 170 -13.89 -6.29 -2.66
CA GLY A 170 -14.48 -4.98 -2.44
C GLY A 170 -14.16 -4.04 -3.58
N VAL A 171 -15.08 -3.11 -3.85
CA VAL A 171 -14.94 -2.23 -5.00
C VAL A 171 -13.65 -1.45 -4.93
N GLY A 172 -13.17 -1.15 -3.72
CA GLY A 172 -11.87 -0.53 -3.59
C GLY A 172 -10.73 -1.42 -4.04
N TYR A 173 -10.97 -2.72 -4.17
CA TYR A 173 -9.95 -3.65 -4.59
C TYR A 173 -10.17 -4.19 -6.00
N GLN A 174 -11.32 -3.94 -6.60
CA GLN A 174 -11.54 -4.36 -7.98
C GLN A 174 -10.81 -3.42 -8.94
N PRO A 175 -10.21 -3.96 -9.99
CA PRO A 175 -9.38 -3.14 -10.87
C PRO A 175 -10.16 -2.05 -11.58
N TYR A 176 -9.48 -0.94 -11.83
CA TYR A 176 -10.02 0.18 -12.58
C TYR A 176 -9.04 0.50 -13.71
N ARG A 177 -9.56 0.65 -14.92
CA ARG A 177 -8.75 1.08 -16.04
C ARG A 177 -8.59 2.60 -15.96
N VAL A 178 -7.37 3.06 -16.23
CA VAL A 178 -7.04 4.48 -16.11
C VAL A 178 -6.26 4.90 -17.35
N VAL A 179 -6.61 6.07 -17.88
CA VAL A 179 -5.90 6.68 -18.98
C VAL A 179 -5.69 8.15 -18.68
N VAL A 180 -4.45 8.59 -18.77
CA VAL A 180 -4.09 9.99 -18.58
C VAL A 180 -3.87 10.58 -19.96
N LEU A 181 -4.70 11.53 -20.35
CA LEU A 181 -4.52 12.26 -21.60
C LEU A 181 -3.79 13.54 -21.26
N SER A 182 -2.50 13.59 -21.54
CA SER A 182 -1.66 14.73 -21.23
C SER A 182 -1.46 15.55 -22.49
N PHE A 183 -2.04 16.75 -22.52
CA PHE A 183 -1.84 17.63 -23.65
C PHE A 183 -0.48 18.30 -23.55
N GLU A 184 0.02 18.76 -24.70
CA GLU A 184 1.25 19.52 -24.70
C GLU A 184 1.25 20.49 -25.87
N LEU A 185 1.83 21.66 -25.62
CA LEU A 185 1.83 22.81 -26.52
C LEU A 185 3.27 23.23 -26.74
N LEU A 186 3.70 23.25 -27.99
CA LEU A 186 5.09 23.54 -28.31
C LEU A 186 5.24 24.62 -29.39
N HIS A 187 6.46 24.79 -29.87
CA HIS A 187 6.77 25.71 -30.96
C HIS A 187 6.75 24.93 -32.27
N ALA A 188 5.55 24.68 -32.76
CA ALA A 188 5.39 23.82 -33.92
C ALA A 188 3.98 23.97 -34.48
N PRO A 189 3.68 23.41 -35.63
CA PRO A 189 2.29 23.40 -36.10
C PRO A 189 1.40 22.59 -35.17
N ALA A 190 0.42 23.27 -34.60
CA ALA A 190 -0.55 22.60 -33.73
C ALA A 190 -1.49 21.75 -34.60
N THR A 191 -1.34 20.43 -34.52
CA THR A 191 -2.08 19.54 -35.40
C THR A 191 -3.13 18.69 -34.67
N VAL A 192 -3.50 19.09 -33.46
CA VAL A 192 -4.56 18.42 -32.70
C VAL A 192 -5.52 19.51 -32.24
N CYS A 193 -6.58 19.73 -33.00
CA CYS A 193 -7.54 20.78 -32.70
C CYS A 193 -8.90 20.15 -32.45
N GLY A 194 -9.92 20.99 -32.34
CA GLY A 194 -11.28 20.52 -32.14
C GLY A 194 -12.20 20.73 -33.32
N GLN B 3 -12.65 -0.24 5.80
CA GLN B 3 -13.33 -1.43 6.25
C GLN B 3 -13.00 -1.74 7.71
N LEU B 4 -13.70 -2.73 8.27
CA LEU B 4 -13.47 -3.17 9.63
C LEU B 4 -13.37 -4.69 9.66
N THR B 5 -12.52 -5.21 10.56
CA THR B 5 -12.30 -6.64 10.69
C THR B 5 -12.73 -7.10 12.08
N GLN B 6 -13.54 -8.15 12.12
CA GLN B 6 -14.05 -8.69 13.38
C GLN B 6 -13.58 -10.13 13.52
N SER B 7 -12.99 -10.44 14.67
CA SER B 7 -12.42 -11.76 14.94
C SER B 7 -13.15 -12.42 16.10
N PRO B 8 -12.85 -13.71 16.30
CA PRO B 8 -13.50 -14.50 17.34
C PRO B 8 -13.08 -14.01 18.73
N SER B 9 -13.78 -14.50 19.74
CA SER B 9 -13.49 -14.13 21.13
C SER B 9 -12.38 -15.01 21.67
N PHE B 10 -12.12 -14.91 22.98
CA PHE B 10 -11.07 -15.69 23.61
C PHE B 10 -11.45 -17.18 23.62
N LEU B 11 -10.42 -18.03 23.69
CA LEU B 11 -10.61 -19.47 23.62
C LEU B 11 -9.78 -20.16 24.70
N SER B 12 -10.44 -20.99 25.50
CA SER B 12 -9.78 -21.83 26.49
C SER B 12 -9.72 -23.24 25.94
N ALA B 13 -8.51 -23.73 25.70
CA ALA B 13 -8.30 -25.00 25.03
C ALA B 13 -7.49 -25.95 25.92
N SER B 14 -7.44 -27.21 25.49
CA SER B 14 -6.67 -28.23 26.16
C SER B 14 -5.32 -28.40 25.48
N VAL B 15 -4.32 -28.80 26.26
CA VAL B 15 -2.98 -28.97 25.72
C VAL B 15 -2.97 -30.04 24.64
N GLY B 16 -2.06 -29.87 23.68
CA GLY B 16 -1.91 -30.79 22.55
C GLY B 16 -3.21 -30.96 21.77
N ASP B 17 -3.86 -29.84 21.48
CA ASP B 17 -5.07 -29.83 20.67
C ASP B 17 -4.99 -28.70 19.65
N ARG B 18 -5.40 -29.00 18.42
CA ARG B 18 -5.37 -28.02 17.33
C ARG B 18 -6.58 -27.12 17.41
N VAL B 19 -6.34 -25.82 17.60
CA VAL B 19 -7.39 -24.83 17.71
C VAL B 19 -7.51 -24.04 16.42
N THR B 20 -8.65 -23.35 16.27
CA THR B 20 -8.90 -22.58 15.07
C THR B 20 -9.46 -21.22 15.45
N ILE B 21 -8.87 -20.17 14.87
CA ILE B 21 -9.33 -18.80 15.04
C ILE B 21 -9.78 -18.26 13.69
N THR B 22 -10.66 -17.26 13.73
CA THR B 22 -11.21 -16.73 12.50
C THR B 22 -11.50 -15.25 12.66
N CYS B 23 -11.37 -14.52 11.56
CA CYS B 23 -11.72 -13.11 11.48
C CYS B 23 -12.40 -12.84 10.14
N ARG B 24 -13.58 -12.24 10.19
CA ARG B 24 -14.34 -11.93 8.98
C ARG B 24 -14.15 -10.45 8.65
N ALA B 25 -13.86 -10.18 7.38
CA ALA B 25 -13.63 -8.82 6.94
C ALA B 25 -14.95 -8.20 6.47
N SER B 26 -14.96 -6.87 6.40
CA SER B 26 -16.18 -6.15 6.04
C SER B 26 -16.69 -6.56 4.67
N GLN B 27 -15.94 -6.21 3.61
CA GLN B 27 -16.34 -6.63 2.27
C GLN B 27 -15.08 -6.80 1.42
N GLY B 28 -14.54 -8.01 1.39
CA GLY B 28 -13.62 -8.40 0.35
C GLY B 28 -12.18 -8.02 0.66
N ILE B 29 -11.31 -9.00 0.85
CA ILE B 29 -9.88 -8.75 0.94
C ILE B 29 -9.15 -9.77 0.06
N SER B 30 -9.35 -11.03 0.40
CA SER B 30 -9.04 -12.22 -0.40
C SER B 30 -7.56 -12.55 -0.54
N ASN B 31 -6.64 -11.64 -0.22
CA ASN B 31 -5.27 -12.07 0.00
C ASN B 31 -4.53 -11.20 1.00
N TYR B 32 -5.12 -10.10 1.44
CA TYR B 32 -4.38 -9.10 2.21
C TYR B 32 -4.70 -9.21 3.70
N LEU B 33 -4.31 -10.34 4.29
CA LEU B 33 -4.40 -10.53 5.73
C LEU B 33 -3.19 -11.30 6.22
N ALA B 34 -2.60 -10.82 7.31
CA ALA B 34 -1.42 -11.44 7.90
C ALA B 34 -1.70 -11.76 9.37
N TRP B 35 -1.15 -12.88 9.80
CA TRP B 35 -1.41 -13.45 11.13
C TRP B 35 -0.17 -13.26 12.00
N TYR B 36 -0.37 -12.70 13.20
CA TYR B 36 0.70 -12.28 14.10
C TYR B 36 0.50 -12.88 15.49
N GLN B 37 1.62 -13.12 16.18
CA GLN B 37 1.62 -13.67 17.53
C GLN B 37 2.22 -12.66 18.48
N GLN B 38 1.51 -12.32 19.55
CA GLN B 38 2.03 -11.47 20.60
C GLN B 38 1.99 -12.24 21.91
N LYS B 39 3.16 -12.68 22.36
CA LYS B 39 3.30 -13.19 23.71
C LYS B 39 3.36 -12.01 24.68
N PRO B 40 2.73 -12.15 25.85
CA PRO B 40 2.66 -11.01 26.78
C PRO B 40 4.04 -10.47 27.11
N GLY B 41 4.15 -9.14 27.12
CA GLY B 41 5.39 -8.47 27.42
C GLY B 41 6.40 -8.48 26.30
N LYS B 42 6.11 -9.13 25.19
CA LYS B 42 7.05 -9.23 24.08
C LYS B 42 6.42 -8.64 22.82
N ALA B 43 7.28 -8.05 21.99
CA ALA B 43 6.80 -7.49 20.74
C ALA B 43 6.21 -8.61 19.87
N PRO B 44 5.12 -8.35 19.16
CA PRO B 44 4.45 -9.43 18.43
C PRO B 44 5.32 -9.98 17.33
N LYS B 45 5.11 -11.27 17.04
CA LYS B 45 5.82 -11.95 15.97
C LYS B 45 4.81 -12.40 14.91
N LEU B 46 5.13 -12.15 13.65
CA LEU B 46 4.22 -12.51 12.58
C LEU B 46 4.20 -14.02 12.39
N LEU B 47 3.11 -14.52 11.81
CA LEU B 47 3.02 -15.91 11.42
C LEU B 47 2.84 -16.07 9.92
N ILE B 48 1.82 -15.43 9.37
CA ILE B 48 1.26 -15.85 8.09
C ILE B 48 1.10 -14.65 7.17
N TYR B 49 1.44 -14.85 5.89
CA TYR B 49 1.10 -13.99 4.77
C TYR B 49 -0.36 -14.21 4.42
N ALA B 50 -0.73 -13.89 3.18
CA ALA B 50 -2.00 -14.39 2.66
C ALA B 50 -2.25 -15.82 3.13
N ALA B 51 -1.35 -16.74 2.77
CA ALA B 51 -1.45 -18.12 3.26
C ALA B 51 -0.12 -18.64 3.78
N SER B 52 0.99 -18.20 3.22
CA SER B 52 2.29 -18.80 3.50
C SER B 52 2.74 -18.46 4.92
N THR B 53 3.83 -19.13 5.34
CA THR B 53 4.42 -18.96 6.66
C THR B 53 5.88 -18.61 6.52
N LEU B 54 6.39 -17.78 7.43
CA LEU B 54 7.73 -17.21 7.23
C LEU B 54 8.85 -18.14 7.68
N GLN B 55 8.98 -18.36 8.99
CA GLN B 55 10.17 -19.08 9.42
C GLN B 55 9.95 -20.16 10.47
N THR B 56 8.98 -19.98 11.37
CA THR B 56 9.00 -20.74 12.62
C THR B 56 7.71 -21.46 12.95
N GLY B 57 6.57 -20.94 12.53
CA GLY B 57 5.28 -21.38 13.05
C GLY B 57 4.76 -22.64 12.36
N VAL B 58 5.65 -23.46 11.80
CA VAL B 58 5.27 -24.64 11.02
C VAL B 58 4.14 -25.45 11.65
N PRO B 59 4.04 -25.47 12.98
CA PRO B 59 2.95 -26.19 13.63
C PRO B 59 1.67 -25.38 13.74
N SER B 60 1.71 -24.10 13.42
CA SER B 60 0.57 -23.20 13.59
C SER B 60 0.30 -22.41 12.32
N ARG B 61 0.29 -23.10 11.19
CA ARG B 61 0.08 -22.45 9.90
C ARG B 61 -1.16 -23.00 9.23
N PHE B 62 -2.08 -22.10 8.86
CA PHE B 62 -3.30 -22.44 8.13
C PHE B 62 -4.00 -21.15 7.72
N SER B 63 -4.64 -21.13 6.55
CA SER B 63 -5.28 -19.92 6.06
C SER B 63 -6.38 -20.26 5.09
N GLY B 64 -7.47 -19.52 5.17
CA GLY B 64 -8.57 -19.65 4.20
C GLY B 64 -9.23 -18.28 4.09
N SER B 65 -8.78 -17.47 3.13
CA SER B 65 -9.09 -16.04 3.10
C SER B 65 -9.93 -15.71 1.87
N GLY B 66 -11.22 -15.49 2.08
CA GLY B 66 -12.09 -14.86 1.09
C GLY B 66 -13.18 -14.13 1.86
N SER B 67 -12.91 -12.86 2.19
CA SER B 67 -13.80 -11.98 2.93
C SER B 67 -14.02 -12.44 4.36
N GLY B 68 -13.49 -13.62 4.70
CA GLY B 68 -13.52 -14.11 6.08
C GLY B 68 -12.41 -15.16 6.19
N THR B 69 -11.28 -14.77 6.77
CA THR B 69 -10.15 -15.68 6.85
C THR B 69 -10.13 -16.41 8.19
N GLU B 70 -9.34 -17.47 8.25
CA GLU B 70 -9.24 -18.28 9.46
C GLU B 70 -7.94 -19.06 9.45
N PHE B 71 -7.34 -19.20 10.63
CA PHE B 71 -6.11 -19.93 10.82
C PHE B 71 -6.32 -21.06 11.82
N THR B 72 -5.43 -22.03 11.78
CA THR B 72 -5.50 -23.18 12.67
C THR B 72 -4.11 -23.49 13.20
N LEU B 73 -4.00 -23.59 14.52
CA LEU B 73 -2.75 -23.94 15.17
C LEU B 73 -2.80 -25.37 15.67
N LEU B 78 -2.53 -26.87 20.63
CA LEU B 78 -1.44 -27.81 20.39
C LEU B 78 -0.35 -27.66 21.44
N GLN B 79 0.85 -27.27 20.99
CA GLN B 79 1.96 -27.13 21.91
C GLN B 79 1.61 -26.12 23.00
N PRO B 80 1.80 -26.47 24.27
CA PRO B 80 1.28 -25.61 25.34
C PRO B 80 2.04 -24.33 25.56
N GLU B 81 2.96 -23.99 24.64
CA GLU B 81 3.67 -22.72 24.70
C GLU B 81 3.03 -21.65 23.83
N ASP B 82 1.71 -21.73 23.63
CA ASP B 82 0.97 -20.76 22.84
C ASP B 82 0.07 -19.89 23.70
N PHE B 83 0.38 -19.76 24.99
CA PHE B 83 -0.40 -18.93 25.91
C PHE B 83 -0.11 -17.48 25.59
N ALA B 84 -0.72 -17.01 24.50
CA ALA B 84 -0.45 -15.67 23.99
C ALA B 84 -1.65 -15.25 23.14
N THR B 85 -1.50 -14.12 22.45
CA THR B 85 -2.61 -13.51 21.73
C THR B 85 -2.32 -13.51 20.24
N TYR B 86 -3.38 -13.65 19.45
CA TYR B 86 -3.29 -13.79 18.00
C TYR B 86 -3.97 -12.59 17.34
N TYR B 87 -3.24 -11.93 16.44
CA TYR B 87 -3.72 -10.71 15.80
C TYR B 87 -3.79 -10.89 14.29
N CYS B 88 -4.75 -10.23 13.67
CA CYS B 88 -4.88 -10.21 12.22
C CYS B 88 -4.75 -8.78 11.71
N GLN B 89 -3.82 -8.57 10.79
CA GLN B 89 -3.59 -7.26 10.20
C GLN B 89 -3.93 -7.32 8.73
N GLN B 90 -4.85 -6.48 8.28
CA GLN B 90 -5.16 -6.42 6.87
C GLN B 90 -4.09 -5.61 6.16
N LEU B 91 -3.64 -6.08 5.00
CA LEU B 91 -2.34 -5.68 4.48
C LEU B 91 -2.38 -4.31 3.82
N ASN B 92 -3.11 -4.16 2.73
CA ASN B 92 -3.00 -3.00 1.87
C ASN B 92 -4.25 -2.12 2.02
N SER B 93 -4.22 -1.25 3.01
CA SER B 93 -5.23 -0.21 3.23
C SER B 93 -4.54 1.09 3.57
N TYR B 94 -3.58 1.48 2.74
CA TYR B 94 -2.43 2.32 3.07
C TYR B 94 -2.69 3.38 4.15
N PRO B 95 -3.76 4.17 4.12
CA PRO B 95 -3.93 5.18 5.17
C PRO B 95 -4.10 4.53 6.54
N PRO B 96 -5.12 3.65 6.79
CA PRO B 96 -5.07 2.90 8.06
C PRO B 96 -4.48 1.50 7.92
N LEU B 97 -3.62 1.11 8.85
CA LEU B 97 -3.17 -0.27 8.94
C LEU B 97 -3.95 -0.99 10.04
N THR B 98 -5.24 -1.17 9.78
CA THR B 98 -6.16 -1.64 10.81
C THR B 98 -5.83 -3.06 11.24
N PHE B 99 -5.89 -3.28 12.55
CA PHE B 99 -5.71 -4.59 13.16
C PHE B 99 -7.06 -5.16 13.57
N GLY B 100 -7.07 -6.44 13.92
CA GLY B 100 -8.30 -7.11 14.31
C GLY B 100 -8.58 -7.00 15.79
N GLY B 101 -9.70 -7.60 16.20
CA GLY B 101 -10.04 -7.67 17.60
C GLY B 101 -9.09 -8.50 18.43
N GLY B 102 -8.39 -9.45 17.82
CA GLY B 102 -7.30 -10.14 18.48
C GLY B 102 -7.70 -11.10 19.58
N SER B 103 -8.26 -12.23 19.21
CA SER B 103 -8.60 -13.26 20.17
C SER B 103 -7.35 -13.73 20.92
N ARG B 104 -7.51 -13.99 22.21
CA ARG B 104 -6.44 -14.54 23.04
C ARG B 104 -6.81 -15.97 23.42
N VAL B 105 -5.80 -16.82 23.56
CA VAL B 105 -6.01 -18.23 23.87
C VAL B 105 -5.34 -18.54 25.21
N GLU B 106 -6.06 -19.24 26.07
CA GLU B 106 -5.50 -19.82 27.28
C GLU B 106 -5.61 -21.33 27.19
N ILE B 107 -4.78 -22.02 27.96
CA ILE B 107 -4.65 -23.47 27.87
C ILE B 107 -5.10 -24.08 29.20
N LYS B 108 -5.98 -25.07 29.12
CA LYS B 108 -6.45 -25.78 30.30
C LYS B 108 -7.02 -27.14 29.89
N LEU C 4 17.12 -6.79 14.97
CA LEU C 4 16.89 -6.13 16.25
C LEU C 4 16.75 -4.62 16.07
N VAL C 5 16.46 -3.93 17.18
CA VAL C 5 16.34 -2.48 17.16
C VAL C 5 16.57 -1.96 18.58
N GLU C 6 16.30 -0.68 18.79
CA GLU C 6 16.60 -0.03 20.05
C GLU C 6 15.43 0.85 20.48
N SER C 7 15.37 1.13 21.77
CA SER C 7 14.30 1.92 22.37
C SER C 7 14.80 3.35 22.61
N GLY C 8 13.99 4.13 23.34
CA GLY C 8 14.29 5.54 23.52
C GLY C 8 13.57 6.04 24.78
N GLY C 9 13.42 7.36 24.87
CA GLY C 9 12.93 8.07 26.05
C GLY C 9 11.62 7.53 26.60
N GLY C 10 11.32 7.91 27.85
CA GLY C 10 10.19 7.38 28.60
C GLY C 10 9.27 8.50 29.07
N LEU C 11 8.34 8.17 29.97
CA LEU C 11 7.28 9.08 30.38
C LEU C 11 7.80 10.48 30.67
N VAL C 12 6.96 11.46 30.40
CA VAL C 12 7.29 12.87 30.55
C VAL C 12 6.02 13.61 30.98
N GLN C 13 6.02 14.93 30.84
CA GLN C 13 4.89 15.74 31.28
C GLN C 13 3.75 15.66 30.26
N PRO C 14 2.72 16.49 30.46
CA PRO C 14 1.58 16.51 29.55
C PRO C 14 1.84 17.47 28.41
N GLY C 15 1.57 17.02 27.19
CA GLY C 15 1.75 17.81 25.97
C GLY C 15 3.17 18.32 25.81
N GLY C 16 4.13 17.69 26.49
CA GLY C 16 5.52 18.07 26.33
C GLY C 16 6.08 17.49 25.03
N SER C 17 7.29 17.93 24.69
CA SER C 17 7.90 17.55 23.42
C SER C 17 8.36 16.10 23.49
N LEU C 18 7.44 15.17 23.21
CA LEU C 18 7.75 13.76 23.21
C LEU C 18 8.58 13.39 21.99
N ARG C 19 9.54 12.50 22.19
CA ARG C 19 10.42 12.07 21.12
C ARG C 19 10.86 10.64 21.39
N LEU C 20 11.04 9.88 20.30
CA LEU C 20 11.49 8.50 20.39
C LEU C 20 12.41 8.19 19.22
N SER C 21 13.26 7.19 19.40
CA SER C 21 14.28 6.88 18.42
C SER C 21 14.43 5.36 18.30
N CYS C 22 15.09 4.96 17.22
CA CYS C 22 15.21 3.56 16.86
C CYS C 22 16.54 3.37 16.18
N ALA C 23 17.01 2.13 16.13
CA ALA C 23 18.29 1.85 15.53
C ALA C 23 18.20 0.53 14.77
N ALA C 24 18.91 0.46 13.66
CA ALA C 24 18.93 -0.74 12.84
C ALA C 24 19.90 -1.74 13.45
N SER C 25 19.76 -3.01 13.10
CA SER C 25 20.65 -4.05 13.60
C SER C 25 21.51 -4.63 12.49
N GLY C 26 20.90 -5.16 11.44
CA GLY C 26 21.66 -5.72 10.34
C GLY C 26 21.06 -5.31 9.01
N LEU C 27 20.15 -4.35 9.05
CA LEU C 27 19.44 -3.93 7.85
C LEU C 27 19.23 -2.42 7.85
N THR C 28 19.91 -1.73 6.93
CA THR C 28 19.99 -0.28 6.99
C THR C 28 18.64 0.37 6.74
N VAL C 29 18.42 1.50 7.41
CA VAL C 29 17.21 2.29 7.22
C VAL C 29 17.40 3.35 6.12
N SER C 30 17.37 2.90 4.88
CA SER C 30 17.26 3.81 3.75
C SER C 30 16.46 3.17 2.63
N SER C 31 15.98 1.95 2.86
CA SER C 31 15.51 1.14 1.75
C SER C 31 14.27 0.32 2.11
N ASN C 32 13.69 0.58 3.27
CA ASN C 32 12.62 -0.27 3.78
C ASN C 32 11.52 0.58 4.39
N TYR C 33 10.29 0.06 4.33
CA TYR C 33 9.15 0.80 4.86
C TYR C 33 9.20 0.78 6.38
N MET C 34 9.94 1.69 6.98
CA MET C 34 10.00 1.71 8.43
C MET C 34 8.66 2.17 9.00
N THR C 35 8.43 1.85 10.28
CA THR C 35 7.12 2.09 10.85
C THR C 35 7.21 2.55 12.29
N TRP C 36 6.03 2.86 12.81
CA TRP C 36 5.80 3.10 14.22
C TRP C 36 4.41 2.61 14.54
N VAL C 37 4.33 1.60 15.41
CA VAL C 37 3.07 1.01 15.85
C VAL C 37 2.95 1.22 17.35
N ARG C 38 1.73 1.50 17.80
CA ARG C 38 1.49 1.83 19.20
C ARG C 38 0.46 0.88 19.78
N GLN C 39 0.76 0.36 20.96
CA GLN C 39 -0.18 -0.43 21.74
C GLN C 39 -0.48 0.29 23.04
N ALA C 40 -1.73 0.69 23.22
CA ALA C 40 -2.15 1.25 24.48
C ALA C 40 -2.10 0.18 25.56
N PRO C 41 -1.85 0.56 26.82
CA PRO C 41 -1.85 -0.44 27.89
C PRO C 41 -3.27 -0.92 28.15
N GLY C 42 -3.53 -2.16 27.78
CA GLY C 42 -4.87 -2.70 27.87
C GLY C 42 -5.69 -2.39 26.63
N LYS C 43 -5.11 -2.66 25.47
CA LYS C 43 -5.79 -2.43 24.19
C LYS C 43 -4.99 -3.16 23.12
N GLY C 44 -5.58 -3.23 21.92
CA GLY C 44 -4.94 -3.87 20.80
C GLY C 44 -3.79 -3.07 20.24
N LEU C 45 -3.49 -3.24 18.96
CA LEU C 45 -2.43 -2.48 18.33
C LEU C 45 -3.02 -1.29 17.56
N GLU C 46 -2.13 -0.49 16.99
CA GLU C 46 -2.50 0.70 16.23
C GLU C 46 -1.56 0.78 15.04
N TRP C 47 -1.49 1.96 14.44
CA TRP C 47 -0.42 2.28 13.49
C TRP C 47 -0.28 3.78 13.51
N VAL C 48 0.91 4.29 13.83
CA VAL C 48 1.02 5.73 13.99
C VAL C 48 1.89 6.36 12.91
N SER C 49 2.79 5.57 12.31
CA SER C 49 3.55 6.18 11.21
C SER C 49 4.13 5.11 10.30
N VAL C 50 4.41 5.54 9.07
CA VAL C 50 5.21 4.75 8.13
C VAL C 50 6.09 5.69 7.33
N ILE C 51 7.32 5.27 7.08
CA ILE C 51 8.31 6.04 6.32
C ILE C 51 8.76 5.20 5.15
N TYR C 52 8.69 5.77 3.96
CA TYR C 52 8.96 5.10 2.70
C TYR C 52 10.45 5.12 2.38
N SER C 53 10.81 4.43 1.30
CA SER C 53 12.18 4.47 0.82
C SER C 53 12.47 5.79 0.12
N GLY C 54 11.52 6.29 -0.66
CA GLY C 54 11.71 7.55 -1.36
C GLY C 54 11.71 8.75 -0.43
N GLY C 55 11.07 8.64 0.73
CA GLY C 55 11.09 9.73 1.69
C GLY C 55 9.71 10.16 2.11
N SER C 56 8.70 9.79 1.34
CA SER C 56 7.33 10.15 1.69
C SER C 56 6.91 9.47 2.98
N THR C 57 6.13 10.19 3.79
CA THR C 57 5.74 9.71 5.10
C THR C 57 4.22 9.70 5.22
N PHE C 58 3.72 8.86 6.14
CA PHE C 58 2.28 8.79 6.35
C PHE C 58 1.99 8.59 7.83
N TYR C 59 0.96 9.27 8.31
CA TYR C 59 0.51 9.20 9.69
C TYR C 59 -0.95 8.78 9.72
N ALA C 60 -1.46 8.57 10.93
CA ALA C 60 -2.83 8.11 11.12
C ALA C 60 -3.75 9.29 11.41
N ASP C 61 -5.02 8.97 11.63
CA ASP C 61 -5.98 9.99 12.04
C ASP C 61 -5.57 10.60 13.38
N SER C 62 -5.57 9.79 14.43
CA SER C 62 -5.02 10.24 15.69
C SER C 62 -3.51 10.44 15.55
N VAL C 63 -2.97 11.35 16.35
CA VAL C 63 -1.56 11.71 16.26
C VAL C 63 -1.19 12.14 14.84
N LYS C 64 -2.13 12.83 14.18
CA LYS C 64 -1.89 13.35 12.84
C LYS C 64 -0.82 14.43 12.81
N GLY C 65 -0.44 14.97 13.96
CA GLY C 65 0.61 15.97 14.06
C GLY C 65 1.98 15.37 14.38
N ARG C 66 2.08 14.05 14.44
CA ARG C 66 3.35 13.40 14.68
C ARG C 66 4.29 13.62 13.50
N CYS C 67 5.58 13.72 13.80
CA CYS C 67 6.60 13.98 12.79
C CYS C 67 7.59 12.82 12.79
N THR C 68 7.49 11.97 11.77
CA THR C 68 8.47 10.93 11.57
C THR C 68 9.73 11.51 10.94
N ILE C 69 10.79 10.70 10.90
CA ILE C 69 12.02 11.16 10.28
C ILE C 69 12.90 9.97 9.95
N SER C 70 13.89 10.20 9.09
CA SER C 70 14.87 9.20 8.74
C SER C 70 16.21 9.89 8.47
N ARG C 71 17.29 9.16 8.72
CA ARG C 71 18.66 9.70 8.52
C ARG C 71 19.66 8.53 8.45
N HIS C 72 20.81 8.67 9.11
CA HIS C 72 21.86 7.63 9.11
C HIS C 72 22.84 7.87 10.27
N ASN C 76 21.52 5.53 10.48
CA ASN C 76 20.62 4.55 11.09
C ASN C 76 20.26 4.93 12.52
N THR C 77 19.57 6.07 12.66
CA THR C 77 18.99 6.56 13.90
C THR C 77 17.61 7.12 13.57
N LEU C 78 16.62 6.24 13.57
CA LEU C 78 15.26 6.61 13.19
C LEU C 78 14.65 7.48 14.27
N TYR C 79 13.91 8.50 13.86
CA TYR C 79 13.30 9.44 14.79
C TYR C 79 11.80 9.54 14.60
N LEU C 80 11.09 9.70 15.71
CA LEU C 80 9.70 10.13 15.72
C LEU C 80 9.55 11.20 16.79
N GLN C 81 8.72 12.20 16.53
CA GLN C 81 8.52 13.28 17.47
C GLN C 81 7.05 13.67 17.50
N MET C 82 6.68 14.37 18.58
CA MET C 82 5.29 14.79 18.78
C MET C 82 5.28 15.90 19.82
N ASN C 83 4.35 16.82 19.68
CA ASN C 83 4.18 17.89 20.66
C ASN C 83 2.98 17.61 21.57
N SER C 84 1.79 17.48 20.98
CA SER C 84 0.56 17.32 21.75
C SER C 84 0.52 15.91 22.35
N LEU C 85 1.36 15.70 23.36
CA LEU C 85 1.40 14.41 24.05
C LEU C 85 0.18 14.27 24.94
N ARG C 86 -0.98 14.06 24.34
CA ARG C 86 -2.24 14.01 25.06
C ARG C 86 -2.38 12.66 25.77
N ALA C 87 -3.60 12.35 26.23
CA ALA C 87 -3.82 11.18 27.05
C ALA C 87 -3.48 9.89 26.31
N GLU C 88 -3.85 9.79 25.04
CA GLU C 88 -3.61 8.58 24.28
C GLU C 88 -2.13 8.29 24.09
N ASP C 89 -1.25 9.28 24.28
CA ASP C 89 0.17 9.07 24.07
C ASP C 89 0.77 8.09 25.07
N THR C 90 0.13 7.87 26.21
CA THR C 90 0.62 6.93 27.21
C THR C 90 0.41 5.52 26.68
N ALA C 91 1.46 4.92 26.15
CA ALA C 91 1.37 3.58 25.55
C ALA C 91 2.78 3.10 25.23
N VAL C 92 2.87 1.94 24.60
CA VAL C 92 4.14 1.39 24.16
C VAL C 92 4.20 1.51 22.64
N TYR C 93 5.42 1.61 22.12
CA TYR C 93 5.65 1.78 20.69
C TYR C 93 6.69 0.78 20.22
N TYR C 94 6.57 0.40 18.95
CA TYR C 94 7.45 -0.58 18.33
C TYR C 94 7.85 -0.12 16.93
N CYS C 95 9.11 -0.34 16.62
CA CYS C 95 9.67 -0.29 15.27
C CYS C 95 9.21 -1.53 14.51
N ALA C 96 9.18 -1.41 13.19
CA ALA C 96 8.94 -2.57 12.34
C ALA C 96 9.19 -2.17 10.89
N ARG C 97 9.77 -3.10 10.14
CA ARG C 97 9.95 -2.91 8.70
C ARG C 97 8.80 -3.61 8.00
N ASP C 98 8.19 -2.95 7.04
CA ASP C 98 7.05 -3.53 6.35
C ASP C 98 7.44 -4.11 5.01
N LEU C 99 6.74 -5.18 4.65
CA LEU C 99 6.76 -5.77 3.33
C LEU C 99 5.29 -5.87 3.00
N ASP C 100 4.73 -4.80 2.42
CA ASP C 100 3.29 -4.60 2.34
C ASP C 100 2.53 -5.83 1.85
N TYR C 101 3.21 -6.72 1.13
CA TYR C 101 2.59 -7.99 0.80
C TYR C 101 3.02 -9.10 1.75
N TYR C 102 4.03 -8.88 2.59
CA TYR C 102 4.52 -9.91 3.49
C TYR C 102 4.39 -9.55 4.96
N GLY C 103 4.02 -8.32 5.28
CA GLY C 103 3.61 -7.95 6.62
C GLY C 103 4.71 -7.24 7.38
N MET C 104 4.34 -6.79 8.58
CA MET C 104 5.25 -6.13 9.51
C MET C 104 6.28 -7.15 9.97
N ASP C 105 7.49 -7.06 9.42
CA ASP C 105 8.57 -7.97 9.78
C ASP C 105 9.20 -7.54 11.09
N VAL C 106 10.43 -8.01 11.33
CA VAL C 106 11.13 -7.93 12.62
C VAL C 106 10.91 -6.60 13.32
N TRP C 107 10.70 -6.67 14.63
CA TRP C 107 10.29 -5.53 15.43
C TRP C 107 11.37 -5.20 16.45
N GLY C 108 11.31 -3.97 16.96
CA GLY C 108 12.13 -3.61 18.08
C GLY C 108 11.56 -4.13 19.39
N GLN C 109 12.33 -3.94 20.46
CA GLN C 109 11.85 -4.32 21.78
C GLN C 109 10.67 -3.48 22.22
N GLY C 110 10.50 -2.31 21.63
CA GLY C 110 9.42 -1.43 22.05
C GLY C 110 9.75 -0.70 23.34
N THR C 111 9.12 0.45 23.51
CA THR C 111 9.35 1.26 24.69
C THR C 111 8.07 1.99 25.06
N THR C 112 7.93 2.31 26.34
CA THR C 112 6.71 2.89 26.86
C THR C 112 6.92 4.36 27.22
N VAL C 113 5.83 5.12 27.10
CA VAL C 113 5.81 6.52 27.49
C VAL C 113 4.47 6.81 28.15
N THR C 114 4.48 7.79 29.06
CA THR C 114 3.27 8.14 29.80
C THR C 114 3.28 9.64 30.09
N VAL C 115 2.08 10.21 30.18
CA VAL C 115 1.91 11.62 30.46
C VAL C 115 2.28 11.95 31.91
C1 NAG D . -15.90 1.89 -27.35
C2 NAG D . -16.09 3.38 -27.59
C3 NAG D . -17.41 3.83 -26.99
C4 NAG D . -18.55 3.01 -27.57
C5 NAG D . -18.28 1.52 -27.39
C6 NAG D . -19.30 0.64 -28.10
C7 NAG D . -14.10 4.79 -27.82
C8 NAG D . -13.02 5.53 -27.11
N2 NAG D . -14.98 4.14 -27.05
O3 NAG D . -17.61 5.22 -27.27
O4 NAG D . -19.77 3.34 -26.91
O5 NAG D . -17.00 1.16 -27.93
O6 NAG D . -18.71 -0.04 -29.20
O7 NAG D . -14.18 4.78 -29.05
#